data_7JZ5
#
_entry.id   7JZ5
#
_cell.length_a   57.816
_cell.length_b   67.562
_cell.length_c   89.477
_cell.angle_alpha   90.000
_cell.angle_beta   90.000
_cell.angle_gamma   90.000
#
_symmetry.space_group_name_H-M   'P 21 21 21'
#
loop_
_entity.id
_entity.type
_entity.pdbx_description
1 polymer 'Retinol-binding protein 2'
2 non-polymer 'S-[(2R)-2,3-dihydroxypropyl] (5Z,8Z,11Z,14Z)-icosa-5,8,11,14-tetraenethioate'
3 water water
#
_entity_poly.entity_id   1
_entity_poly.type   'polypeptide(L)'
_entity_poly.pdbx_seq_one_letter_code
;MTRDQNGTWEMESNENFEGYMKALDIDFATRKIAVRLTQTKVIDQDGDNFKTKTTSTFRNYDVDFTVGVEFDEYTKSLDN
RHVKALVTWEGDVLVCVQKGEKENRGWKQWIEGDKLYLELTCGDQVCRQVFKKKLVPR
;
_entity_poly.pdbx_strand_id   A,B
#
loop_
_chem_comp.id
_chem_comp.type
_chem_comp.name
_chem_comp.formula
VPY non-polymer 'S-[(2R)-2,3-dihydroxypropyl] (5Z,8Z,11Z,14Z)-icosa-5,8,11,14-tetraenethioate' 'C23 H38 O3 S'
#
# COMPACT_ATOMS: atom_id res chain seq x y z
N MET A 1 -16.30 15.17 29.44
CA MET A 1 -15.08 15.85 28.91
C MET A 1 -13.91 14.87 28.86
N THR A 2 -13.89 14.02 27.84
CA THR A 2 -12.87 13.01 27.68
C THR A 2 -12.12 13.18 26.36
N ARG A 3 -12.02 14.42 25.89
CA ARG A 3 -11.34 14.69 24.63
C ARG A 3 -9.82 14.74 24.78
N ASP A 4 -9.29 14.69 25.99
CA ASP A 4 -7.85 14.81 26.21
C ASP A 4 -7.19 13.45 26.03
N GLN A 5 -6.46 13.30 24.93
CA GLN A 5 -5.84 12.03 24.56
C GLN A 5 -4.33 12.07 24.74
N ASN A 6 -3.80 13.12 25.34
CA ASN A 6 -2.36 13.23 25.56
C ASN A 6 -1.82 12.02 26.28
N GLY A 7 -0.65 11.59 25.84
CA GLY A 7 0.07 10.59 26.59
C GLY A 7 0.86 9.67 25.69
N THR A 8 1.55 8.73 26.34
CA THR A 8 2.24 7.65 25.68
C THR A 8 1.46 6.37 25.94
N TRP A 9 1.10 5.69 24.86
CA TRP A 9 0.13 4.61 24.87
C TRP A 9 0.76 3.34 24.32
N GLU A 10 0.61 2.24 25.03
CA GLU A 10 1.19 0.96 24.63
CA GLU A 10 1.19 0.96 24.64
C GLU A 10 0.07 -0.01 24.25
N MET A 11 0.21 -0.61 23.07
CA MET A 11 -0.79 -1.52 22.55
C MET A 11 -0.91 -2.75 23.44
N GLU A 12 -2.14 -3.10 23.78
CA GLU A 12 -2.38 -4.39 24.45
C GLU A 12 -3.22 -5.36 23.63
N SER A 13 -3.95 -4.91 22.61
CA SER A 13 -4.63 -5.83 21.70
C SER A 13 -4.78 -5.18 20.33
N ASN A 14 -5.00 -6.02 19.33
CA ASN A 14 -4.94 -5.63 17.94
C ASN A 14 -5.77 -6.64 17.17
N GLU A 15 -7.07 -6.44 17.13
CA GLU A 15 -8.00 -7.40 16.54
C GLU A 15 -8.17 -7.15 15.05
N ASN A 16 -7.96 -8.18 14.25
CA ASN A 16 -8.16 -8.13 12.80
C ASN A 16 -7.27 -7.10 12.12
N PHE A 17 -6.07 -6.88 12.64
CA PHE A 17 -5.08 -6.10 11.89
C PHE A 17 -4.75 -6.81 10.58
N GLU A 18 -4.75 -8.14 10.56
CA GLU A 18 -4.49 -8.88 9.33
C GLU A 18 -5.51 -8.52 8.25
N GLY A 19 -6.79 -8.52 8.60
CA GLY A 19 -7.81 -8.24 7.61
C GLY A 19 -7.75 -6.81 7.11
N TYR A 20 -7.50 -5.88 8.02
CA TYR A 20 -7.35 -4.48 7.63
C TYR A 20 -6.18 -4.31 6.67
N MET A 21 -5.03 -4.92 6.98
CA MET A 21 -3.89 -4.81 6.08
C MET A 21 -4.20 -5.43 4.73
N LYS A 22 -4.87 -6.58 4.72
CA LYS A 22 -5.20 -7.21 3.44
C LYS A 22 -6.12 -6.32 2.62
N ALA A 23 -7.07 -5.64 3.27
CA ALA A 23 -7.95 -4.70 2.58
C ALA A 23 -7.18 -3.54 1.97
N LEU A 24 -6.03 -3.16 2.54
CA LEU A 24 -5.17 -2.14 1.97
C LEU A 24 -4.17 -2.67 0.94
N ASP A 25 -4.24 -3.97 0.60
CA ASP A 25 -3.36 -4.60 -0.39
C ASP A 25 -1.91 -4.67 0.06
N ILE A 26 -1.69 -4.72 1.36
CA ILE A 26 -0.36 -4.98 1.89
C ILE A 26 0.03 -6.39 1.52
N ASP A 27 1.25 -6.56 1.01
CA ASP A 27 1.68 -7.88 0.56
C ASP A 27 1.88 -8.82 1.76
N PHE A 28 1.84 -10.13 1.46
CA PHE A 28 1.88 -11.16 2.50
C PHE A 28 3.14 -11.07 3.36
N ALA A 29 4.30 -10.81 2.76
CA ALA A 29 5.52 -10.76 3.54
C ALA A 29 5.49 -9.62 4.54
N THR A 30 5.03 -8.44 4.10
CA THR A 30 4.92 -7.31 5.01
C THR A 30 3.90 -7.60 6.10
N ARG A 31 2.75 -8.19 5.75
CA ARG A 31 1.75 -8.53 6.76
C ARG A 31 2.31 -9.50 7.79
N LYS A 32 3.12 -10.46 7.35
CA LYS A 32 3.60 -11.49 8.27
C LYS A 32 4.43 -10.89 9.40
N ILE A 33 5.21 -9.87 9.10
CA ILE A 33 5.98 -9.18 10.13
C ILE A 33 5.07 -8.28 10.94
N ALA A 34 4.27 -7.47 10.24
CA ALA A 34 3.56 -6.38 10.90
C ALA A 34 2.56 -6.90 11.91
N VAL A 35 1.92 -8.03 11.62
CA VAL A 35 0.85 -8.50 12.49
C VAL A 35 1.37 -8.90 13.87
N ARG A 36 2.67 -9.20 14.00
N ARG A 36 2.66 -9.18 14.00
CA ARG A 36 3.28 -9.66 15.25
CA ARG A 36 3.24 -9.68 15.25
C ARG A 36 3.56 -8.53 16.25
C ARG A 36 3.83 -8.58 16.11
N LEU A 37 3.63 -7.30 15.78
CA LEU A 37 4.32 -6.23 16.47
C LEU A 37 3.45 -5.49 17.48
N THR A 38 4.07 -5.13 18.61
CA THR A 38 3.46 -4.20 19.55
C THR A 38 3.73 -2.78 19.11
N GLN A 39 2.68 -1.96 19.04
CA GLN A 39 2.82 -0.57 18.65
C GLN A 39 2.76 0.31 19.90
N THR A 40 3.50 1.41 19.85
CA THR A 40 3.43 2.48 20.84
C THR A 40 2.96 3.75 20.15
N LYS A 41 2.12 4.53 20.82
CA LYS A 41 1.56 5.73 20.22
C LYS A 41 1.74 6.88 21.18
N VAL A 42 2.41 7.93 20.73
CA VAL A 42 2.62 9.14 21.51
C VAL A 42 1.73 10.21 20.92
N ILE A 43 0.84 10.74 21.73
CA ILE A 43 -0.07 11.81 21.31
C ILE A 43 0.31 13.07 22.08
N ASP A 44 0.61 14.14 21.33
CA ASP A 44 0.86 15.48 21.86
C ASP A 44 -0.29 16.35 21.37
N GLN A 45 -1.19 16.69 22.28
CA GLN A 45 -2.45 17.36 21.95
C GLN A 45 -2.55 18.69 22.65
N ASP A 46 -2.83 19.73 21.88
CA ASP A 46 -3.04 21.09 22.37
C ASP A 46 -4.42 21.50 21.83
N GLY A 47 -5.46 21.27 22.62
CA GLY A 47 -6.81 21.58 22.17
C GLY A 47 -7.20 20.71 20.99
N ASP A 48 -7.45 21.35 19.85
CA ASP A 48 -7.79 20.61 18.64
C ASP A 48 -6.58 20.34 17.76
N ASN A 49 -5.38 20.70 18.20
CA ASN A 49 -4.16 20.45 17.44
C ASN A 49 -3.49 19.18 17.94
N PHE A 50 -3.30 18.22 17.04
CA PHE A 50 -2.73 16.92 17.38
C PHE A 50 -1.42 16.68 16.65
N LYS A 51 -0.44 16.13 17.36
CA LYS A 51 0.74 15.52 16.74
C LYS A 51 0.84 14.10 17.27
N THR A 52 0.84 13.12 16.38
CA THR A 52 0.92 11.72 16.81
CA THR A 52 0.88 11.72 16.77
C THR A 52 2.08 11.02 16.14
N LYS A 53 2.73 10.17 16.93
CA LYS A 53 3.85 9.37 16.48
C LYS A 53 3.54 7.94 16.91
N THR A 54 3.36 7.06 15.93
CA THR A 54 3.12 5.64 16.19
C THR A 54 4.36 4.88 15.78
N THR A 55 4.87 4.05 16.68
CA THR A 55 6.15 3.39 16.46
C THR A 55 6.07 1.88 16.69
N SER A 56 6.98 1.19 16.01
CA SER A 56 7.20 -0.24 16.17
C SER A 56 8.64 -0.48 15.72
N THR A 57 9.11 -1.71 15.93
CA THR A 57 10.47 -2.05 15.54
C THR A 57 10.66 -2.09 14.02
N PHE A 58 9.58 -2.11 13.26
CA PHE A 58 9.55 -2.37 11.83
C PHE A 58 9.20 -1.14 11.00
N ARG A 59 8.24 -0.35 11.46
CA ARG A 59 7.82 0.84 10.76
C ARG A 59 7.38 1.86 11.80
N ASN A 60 7.56 3.14 11.47
CA ASN A 60 7.03 4.23 12.26
C ASN A 60 6.15 5.08 11.36
N TYR A 61 5.15 5.73 11.96
CA TYR A 61 4.24 6.58 11.18
C TYR A 61 3.80 7.78 12.01
N ASP A 62 4.04 8.97 11.49
CA ASP A 62 3.67 10.22 12.13
C ASP A 62 2.54 10.90 11.35
N VAL A 63 1.58 11.45 12.08
CA VAL A 63 0.52 12.24 11.45
C VAL A 63 0.11 13.36 12.39
N ASP A 64 0.05 14.57 11.83
CA ASP A 64 -0.34 15.77 12.53
C ASP A 64 -1.57 16.37 11.86
N PHE A 65 -2.47 16.93 12.67
CA PHE A 65 -3.68 17.50 12.12
C PHE A 65 -4.32 18.43 13.15
N THR A 66 -5.19 19.30 12.64
CA THR A 66 -6.10 20.09 13.44
C THR A 66 -7.51 19.59 13.18
N VAL A 67 -8.25 19.31 14.26
CA VAL A 67 -9.63 18.86 14.09
C VAL A 67 -10.39 19.91 13.29
N GLY A 68 -11.09 19.45 12.25
CA GLY A 68 -11.90 20.30 11.42
C GLY A 68 -11.21 20.84 10.19
N VAL A 69 -9.92 20.59 10.01
CA VAL A 69 -9.13 21.14 8.91
C VAL A 69 -8.71 19.99 8.00
N GLU A 70 -9.28 19.91 6.79
CA GLU A 70 -8.88 18.87 5.85
C GLU A 70 -7.39 18.99 5.53
N PHE A 71 -6.73 17.84 5.37
CA PHE A 71 -5.31 17.83 5.06
C PHE A 71 -4.98 16.71 4.08
N ASP A 72 -3.86 16.88 3.40
CA ASP A 72 -3.32 15.84 2.52
C ASP A 72 -2.53 14.87 3.37
N GLU A 73 -2.86 13.59 3.28
CA GLU A 73 -2.15 12.57 4.04
C GLU A 73 -1.55 11.56 3.07
N TYR A 74 -0.25 11.34 3.22
CA TYR A 74 0.49 10.31 2.49
C TYR A 74 0.92 9.27 3.49
N THR A 75 0.40 8.04 3.35
CA THR A 75 0.61 7.01 4.36
C THR A 75 1.94 6.29 4.14
N LYS A 76 3.00 7.10 4.22
CA LYS A 76 4.36 6.67 3.93
C LYS A 76 4.77 5.50 4.82
N SER A 77 5.26 4.43 4.17
N SER A 77 5.26 4.45 4.17
CA SER A 77 5.77 3.22 4.80
CA SER A 77 5.79 3.23 4.76
C SER A 77 4.66 2.37 5.41
C SER A 77 4.67 2.29 5.17
N LEU A 78 3.41 2.72 5.15
CA LEU A 78 2.27 1.85 5.46
C LEU A 78 1.81 1.27 4.13
N ASP A 79 0.68 1.73 3.58
CA ASP A 79 0.27 1.35 2.23
C ASP A 79 0.69 2.37 1.17
N ASN A 80 1.31 3.48 1.57
CA ASN A 80 1.88 4.47 0.65
C ASN A 80 0.86 5.00 -0.34
N ARG A 81 -0.29 5.42 0.19
CA ARG A 81 -1.33 6.05 -0.60
C ARG A 81 -1.51 7.50 -0.20
N HIS A 82 -2.03 8.27 -1.14
CA HIS A 82 -2.43 9.64 -0.91
C HIS A 82 -3.94 9.70 -0.71
N VAL A 83 -4.34 10.38 0.37
CA VAL A 83 -5.75 10.58 0.66
C VAL A 83 -5.95 12.02 1.10
N LYS A 84 -7.21 12.45 1.05
CA LYS A 84 -7.66 13.68 1.70
C LYS A 84 -8.30 13.26 3.01
N ALA A 85 -7.72 13.73 4.10
CA ALA A 85 -8.15 13.33 5.44
C ALA A 85 -8.85 14.48 6.15
N LEU A 86 -9.90 14.16 6.89
CA LEU A 86 -10.56 15.15 7.75
C LEU A 86 -10.86 14.48 9.08
N VAL A 87 -10.41 15.09 10.17
CA VAL A 87 -10.71 14.62 11.51
C VAL A 87 -11.75 15.56 12.12
N THR A 88 -12.81 15.00 12.68
CA THR A 88 -13.84 15.76 13.37
C THR A 88 -14.12 15.16 14.74
N TRP A 89 -14.78 15.91 15.60
CA TRP A 89 -15.30 15.34 16.85
C TRP A 89 -16.73 14.88 16.65
N GLU A 90 -17.03 13.68 17.11
CA GLU A 90 -18.39 13.20 17.28
C GLU A 90 -18.52 12.91 18.78
N GLY A 91 -19.11 13.84 19.50
CA GLY A 91 -19.01 13.79 20.95
C GLY A 91 -17.54 13.92 21.32
N ASP A 92 -17.02 12.94 22.07
CA ASP A 92 -15.62 12.93 22.44
C ASP A 92 -14.83 11.89 21.66
N VAL A 93 -15.40 11.39 20.56
CA VAL A 93 -14.73 10.45 19.66
C VAL A 93 -14.12 11.21 18.50
N LEU A 94 -12.83 10.98 18.26
CA LEU A 94 -12.13 11.56 17.13
C LEU A 94 -12.41 10.69 15.92
N VAL A 95 -12.96 11.29 14.86
CA VAL A 95 -13.41 10.55 13.68
C VAL A 95 -12.67 11.07 12.48
N CYS A 96 -12.02 10.17 11.75
CA CYS A 96 -11.26 10.53 10.57
C CYS A 96 -11.82 9.81 9.37
N VAL A 97 -12.09 10.57 8.31
CA VAL A 97 -12.41 10.04 6.99
C VAL A 97 -11.19 10.26 6.11
N GLN A 98 -10.72 9.20 5.48
CA GLN A 98 -9.58 9.22 4.56
C GLN A 98 -10.13 8.97 3.15
N LYS A 99 -10.42 10.04 2.42
CA LYS A 99 -11.03 9.92 1.10
C LYS A 99 -9.97 9.69 0.04
N GLY A 100 -10.14 8.62 -0.73
CA GLY A 100 -9.21 8.29 -1.76
C GLY A 100 -9.67 7.06 -2.50
N GLU A 101 -8.72 6.22 -2.90
CA GLU A 101 -9.08 5.12 -3.78
C GLU A 101 -9.71 3.94 -3.05
N LYS A 102 -9.54 3.84 -1.73
CA LYS A 102 -10.20 2.81 -0.97
C LYS A 102 -11.51 3.32 -0.39
N GLU A 103 -12.58 2.60 -0.68
CA GLU A 103 -13.89 2.93 -0.14
C GLU A 103 -13.93 2.67 1.36
N ASN A 104 -14.65 3.55 2.06
CA ASN A 104 -14.95 3.36 3.48
C ASN A 104 -13.68 3.23 4.31
N ARG A 105 -12.76 4.17 4.09
CA ARG A 105 -11.47 4.19 4.79
C ARG A 105 -11.47 5.31 5.81
N GLY A 106 -11.13 4.96 7.05
CA GLY A 106 -11.05 5.97 8.08
C GLY A 106 -10.67 5.34 9.39
N TRP A 107 -10.80 6.13 10.45
CA TRP A 107 -10.53 5.59 11.78
C TRP A 107 -11.27 6.44 12.80
N LYS A 108 -11.42 5.85 14.00
CA LYS A 108 -12.05 6.52 15.13
C LYS A 108 -11.21 6.22 16.36
N GLN A 109 -11.00 7.24 17.19
CA GLN A 109 -10.11 7.12 18.32
C GLN A 109 -10.72 7.83 19.53
N TRP A 110 -10.76 7.15 20.67
CA TRP A 110 -11.39 7.74 21.83
C TRP A 110 -10.83 7.12 23.11
N ILE A 111 -11.07 7.83 24.20
CA ILE A 111 -10.69 7.44 25.55
C ILE A 111 -11.89 6.80 26.24
N GLU A 112 -11.65 5.70 26.93
CA GLU A 112 -12.65 5.13 27.85
C GLU A 112 -11.92 4.58 29.05
N GLY A 113 -12.23 5.10 30.23
CA GLY A 113 -11.49 4.71 31.40
C GLY A 113 -10.07 5.19 31.25
N ASP A 114 -9.11 4.29 31.49
CA ASP A 114 -7.69 4.56 31.32
C ASP A 114 -7.12 3.93 30.05
N LYS A 115 -7.97 3.68 29.05
CA LYS A 115 -7.54 3.06 27.81
C LYS A 115 -7.86 3.96 26.62
N LEU A 116 -7.03 3.84 25.60
CA LEU A 116 -7.28 4.50 24.32
C LEU A 116 -7.69 3.44 23.33
N TYR A 117 -8.79 3.70 22.64
CA TYR A 117 -9.33 2.80 21.63
C TYR A 117 -9.13 3.42 20.26
N LEU A 118 -8.69 2.61 19.31
CA LEU A 118 -8.51 3.02 17.91
C LEU A 118 -9.11 1.96 17.01
N GLU A 119 -10.13 2.34 16.25
N GLU A 119 -10.14 2.32 16.25
CA GLU A 119 -10.81 1.48 15.29
CA GLU A 119 -10.77 1.41 15.29
C GLU A 119 -10.40 1.97 13.91
C GLU A 119 -10.48 1.91 13.90
N LEU A 120 -9.74 1.12 13.13
CA LEU A 120 -9.34 1.44 11.78
C LEU A 120 -10.20 0.66 10.81
N THR A 121 -10.72 1.34 9.79
N THR A 121 -10.76 1.34 9.82
CA THR A 121 -11.59 0.69 8.84
CA THR A 121 -11.65 0.70 8.86
C THR A 121 -11.05 0.86 7.43
C THR A 121 -11.14 0.88 7.43
N CYS A 122 -11.27 -0.18 6.64
CA CYS A 122 -11.02 -0.11 5.19
C CYS A 122 -11.97 -1.10 4.54
N GLY A 123 -12.90 -0.59 3.74
CA GLY A 123 -13.86 -1.49 3.10
C GLY A 123 -14.73 -2.15 4.15
N ASP A 124 -14.80 -3.48 4.09
CA ASP A 124 -15.58 -4.25 5.06
C ASP A 124 -14.73 -4.79 6.19
N GLN A 125 -13.53 -4.26 6.39
CA GLN A 125 -12.62 -4.75 7.43
C GLN A 125 -12.43 -3.69 8.49
N VAL A 126 -12.61 -4.09 9.75
CA VAL A 126 -12.39 -3.21 10.88
C VAL A 126 -11.33 -3.85 11.76
N CYS A 127 -10.33 -3.05 12.12
CA CYS A 127 -9.29 -3.45 13.07
C CYS A 127 -9.54 -2.69 14.35
N ARG A 128 -9.54 -3.40 15.48
CA ARG A 128 -9.83 -2.78 16.77
C ARG A 128 -8.58 -2.86 17.63
N GLN A 129 -8.02 -1.71 17.97
CA GLN A 129 -6.82 -1.66 18.80
C GLN A 129 -7.16 -1.05 20.14
N VAL A 130 -6.53 -1.59 21.20
CA VAL A 130 -6.65 -1.02 22.54
C VAL A 130 -5.25 -0.76 23.08
N PHE A 131 -5.08 0.42 23.68
CA PHE A 131 -3.83 0.87 24.28
C PHE A 131 -4.00 1.22 25.75
N LYS A 132 -2.98 0.89 26.55
CA LYS A 132 -2.90 1.28 27.96
CA LYS A 132 -2.94 1.32 27.93
C LYS A 132 -1.88 2.40 28.11
N LYS A 133 -2.16 3.32 29.01
CA LYS A 133 -1.25 4.44 29.21
C LYS A 133 0.03 3.92 29.84
N LYS A 134 1.17 4.46 29.42
CA LYS A 134 2.43 4.14 30.08
C LYS A 134 2.62 5.09 31.27
N THR B 2 1.14 -19.15 -3.51
CA THR B 2 1.98 -19.97 -4.43
C THR B 2 3.00 -19.12 -5.21
N ARG B 3 4.18 -19.69 -5.48
CA ARG B 3 5.17 -19.05 -6.33
C ARG B 3 4.93 -19.27 -7.82
N ASP B 4 3.95 -20.10 -8.20
CA ASP B 4 3.73 -20.44 -9.61
C ASP B 4 2.84 -19.37 -10.23
N GLN B 5 3.45 -18.52 -11.06
CA GLN B 5 2.75 -17.41 -11.67
C GLN B 5 2.47 -17.66 -13.14
N ASN B 6 2.71 -18.87 -13.62
CA ASN B 6 2.44 -19.20 -15.01
C ASN B 6 0.99 -18.91 -15.34
N GLY B 7 0.79 -18.36 -16.51
CA GLY B 7 -0.55 -18.23 -17.04
C GLY B 7 -0.69 -17.01 -17.91
N THR B 8 -1.90 -16.85 -18.42
CA THR B 8 -2.36 -15.66 -19.11
C THR B 8 -3.30 -14.95 -18.15
N TRP B 9 -3.01 -13.68 -17.86
CA TRP B 9 -3.65 -12.92 -16.81
C TRP B 9 -4.24 -11.67 -17.43
N GLU B 10 -5.51 -11.41 -17.15
CA GLU B 10 -6.21 -10.28 -17.76
C GLU B 10 -6.62 -9.27 -16.70
N MET B 11 -6.31 -8.01 -16.97
CA MET B 11 -6.48 -6.97 -15.97
C MET B 11 -7.93 -6.80 -15.61
N GLU B 12 -8.24 -6.76 -14.31
CA GLU B 12 -9.57 -6.39 -13.88
C GLU B 12 -9.63 -5.07 -13.11
N SER B 13 -8.52 -4.60 -12.55
CA SER B 13 -8.52 -3.28 -11.92
C SER B 13 -7.11 -2.67 -11.99
N ASN B 14 -7.08 -1.34 -11.86
CA ASN B 14 -5.87 -0.56 -12.14
C ASN B 14 -6.00 0.74 -11.36
N GLU B 15 -5.51 0.71 -10.13
CA GLU B 15 -5.60 1.85 -9.22
C GLU B 15 -4.35 2.73 -9.30
N ASN B 16 -4.55 4.03 -9.51
CA ASN B 16 -3.48 5.03 -9.53
C ASN B 16 -2.40 4.74 -10.57
N PHE B 17 -2.77 4.15 -11.70
CA PHE B 17 -1.81 4.03 -12.79
C PHE B 17 -1.41 5.40 -13.29
N GLU B 18 -2.30 6.39 -13.20
CA GLU B 18 -1.93 7.72 -13.68
C GLU B 18 -0.90 8.36 -12.76
N GLY B 19 -0.98 8.13 -11.46
CA GLY B 19 0.05 8.66 -10.57
C GLY B 19 1.41 8.02 -10.81
N TYR B 20 1.43 6.70 -10.98
CA TYR B 20 2.67 6.01 -11.28
C TYR B 20 3.27 6.52 -12.59
N MET B 21 2.43 6.67 -13.63
CA MET B 21 2.95 7.17 -14.91
C MET B 21 3.47 8.60 -14.77
N LYS B 22 2.75 9.45 -14.03
CA LYS B 22 3.19 10.83 -13.88
C LYS B 22 4.52 10.87 -13.12
N ALA B 23 4.69 9.99 -12.14
CA ALA B 23 5.96 9.87 -11.42
C ALA B 23 7.11 9.47 -12.34
N LEU B 24 6.80 8.74 -13.41
CA LEU B 24 7.80 8.38 -14.41
C LEU B 24 7.97 9.43 -15.51
N ASP B 25 7.25 10.56 -15.39
CA ASP B 25 7.28 11.67 -16.36
C ASP B 25 6.68 11.29 -17.71
N ILE B 26 5.76 10.32 -17.73
CA ILE B 26 5.02 10.03 -18.93
C ILE B 26 4.14 11.23 -19.26
N ASP B 27 4.16 11.68 -20.52
CA ASP B 27 3.44 12.90 -20.84
C ASP B 27 1.91 12.70 -20.81
N PHE B 28 1.22 13.83 -20.72
CA PHE B 28 -0.22 13.81 -20.51
C PHE B 28 -0.95 13.09 -21.64
N ALA B 29 -0.57 13.37 -22.89
CA ALA B 29 -1.26 12.73 -24.01
C ALA B 29 -1.19 11.21 -23.88
N THR B 30 -0.03 10.69 -23.49
CA THR B 30 0.15 9.25 -23.33
C THR B 30 -0.62 8.73 -22.14
N ARG B 31 -0.58 9.44 -21.01
CA ARG B 31 -1.33 9.00 -19.83
C ARG B 31 -2.83 8.92 -20.12
N LYS B 32 -3.35 9.90 -20.89
CA LYS B 32 -4.78 9.98 -21.13
C LYS B 32 -5.28 8.71 -21.86
N ILE B 33 -4.48 8.18 -22.78
CA ILE B 33 -4.82 6.93 -23.47
C ILE B 33 -4.57 5.74 -22.56
N ALA B 34 -3.38 5.70 -21.97
CA ALA B 34 -2.92 4.52 -21.24
C ALA B 34 -3.77 4.20 -20.02
N VAL B 35 -4.33 5.21 -19.34
CA VAL B 35 -5.05 4.93 -18.10
C VAL B 35 -6.29 4.06 -18.35
N ARG B 36 -6.83 4.07 -19.56
CA ARG B 36 -8.05 3.34 -19.88
C ARG B 36 -7.82 1.93 -20.39
N LEU B 37 -6.59 1.54 -20.66
CA LEU B 37 -6.34 0.28 -21.35
C LEU B 37 -6.42 -0.90 -20.41
N THR B 38 -6.97 -2.00 -20.93
CA THR B 38 -6.89 -3.27 -20.24
CA THR B 38 -6.91 -3.29 -20.27
C THR B 38 -5.62 -3.99 -20.68
N GLN B 39 -4.81 -4.38 -19.71
CA GLN B 39 -3.56 -5.05 -20.00
C GLN B 39 -3.73 -6.55 -19.85
N THR B 40 -2.97 -7.29 -20.66
CA THR B 40 -2.83 -8.72 -20.52
C THR B 40 -1.38 -9.03 -20.20
N LYS B 41 -1.17 -9.99 -19.32
CA LYS B 41 0.18 -10.36 -18.90
C LYS B 41 0.29 -11.85 -19.06
N VAL B 42 1.23 -12.28 -19.88
CA VAL B 42 1.51 -13.70 -20.11
C VAL B 42 2.85 -14.01 -19.46
N ILE B 43 2.84 -14.96 -18.51
CA ILE B 43 4.01 -15.34 -17.75
C ILE B 43 4.33 -16.78 -18.10
N ASP B 44 5.55 -16.99 -18.55
CA ASP B 44 6.11 -18.32 -18.78
C ASP B 44 7.25 -18.50 -17.78
N GLN B 45 7.01 -19.34 -16.76
CA GLN B 45 7.88 -19.45 -15.61
C GLN B 45 8.37 -20.88 -15.47
N ASP B 46 9.69 -21.04 -15.33
CA ASP B 46 10.35 -22.33 -15.13
C ASP B 46 11.21 -22.18 -13.88
N GLY B 47 10.64 -22.53 -12.72
CA GLY B 47 11.34 -22.35 -11.47
C GLY B 47 11.57 -20.89 -11.16
N ASP B 48 12.82 -20.47 -11.12
CA ASP B 48 13.16 -19.06 -10.90
C ASP B 48 13.40 -18.31 -12.21
N ASN B 49 13.17 -18.94 -13.36
CA ASN B 49 13.36 -18.31 -14.66
C ASN B 49 12.01 -17.82 -15.19
N PHE B 50 11.91 -16.51 -15.42
CA PHE B 50 10.68 -15.87 -15.87
C PHE B 50 10.84 -15.24 -17.26
N LYS B 51 9.82 -15.40 -18.09
CA LYS B 51 9.64 -14.63 -19.32
C LYS B 51 8.25 -14.02 -19.25
N THR B 52 8.15 -12.70 -19.33
CA THR B 52 6.86 -12.03 -19.19
C THR B 52 6.62 -11.13 -20.38
N LYS B 53 5.36 -11.12 -20.82
CA LYS B 53 4.91 -10.27 -21.91
C LYS B 53 3.66 -9.55 -21.44
N THR B 54 3.74 -8.22 -21.36
CA THR B 54 2.59 -7.41 -20.98
C THR B 54 2.12 -6.67 -22.23
N THR B 55 0.86 -6.85 -22.59
CA THR B 55 0.35 -6.37 -23.87
C THR B 55 -0.90 -5.53 -23.68
N SER B 56 -1.12 -4.68 -24.68
CA SER B 56 -2.29 -3.82 -24.76
C SER B 56 -2.45 -3.40 -26.22
N THR B 57 -3.54 -2.70 -26.47
CA THR B 57 -3.77 -2.14 -27.80
C THR B 57 -2.78 -1.03 -28.17
N PHE B 58 -2.05 -0.49 -27.23
CA PHE B 58 -1.26 0.73 -27.43
C PHE B 58 0.24 0.52 -27.32
N ARG B 59 0.67 -0.23 -26.34
CA ARG B 59 2.07 -0.53 -26.08
C ARG B 59 2.19 -1.96 -25.58
N ASN B 60 3.32 -2.59 -25.86
CA ASN B 60 3.66 -3.89 -25.32
C ASN B 60 5.02 -3.81 -24.66
N TYR B 61 5.23 -4.66 -23.65
CA TYR B 61 6.49 -4.62 -22.91
C TYR B 61 6.84 -6.02 -22.42
N ASP B 62 8.03 -6.46 -22.81
CA ASP B 62 8.54 -7.76 -22.43
C ASP B 62 9.71 -7.60 -21.48
N VAL B 63 9.76 -8.43 -20.46
CA VAL B 63 10.93 -8.48 -19.60
C VAL B 63 11.11 -9.92 -19.11
N ASP B 64 12.35 -10.38 -19.20
CA ASP B 64 12.78 -11.71 -18.80
C ASP B 64 13.84 -11.58 -17.73
N PHE B 65 13.84 -12.51 -16.77
CA PHE B 65 14.83 -12.45 -15.69
C PHE B 65 14.89 -13.78 -14.96
N THR B 66 15.99 -13.97 -14.23
CA THR B 66 16.13 -15.05 -13.27
C THR B 66 16.18 -14.43 -11.88
N VAL B 67 15.38 -14.97 -10.97
CA VAL B 67 15.38 -14.47 -9.60
C VAL B 67 16.80 -14.53 -9.05
N GLY B 68 17.25 -13.44 -8.47
CA GLY B 68 18.57 -13.40 -7.85
C GLY B 68 19.68 -12.95 -8.77
N VAL B 69 19.40 -12.75 -10.04
CA VAL B 69 20.42 -12.36 -11.02
C VAL B 69 20.12 -10.95 -11.48
N GLU B 70 20.98 -9.99 -11.11
CA GLU B 70 20.81 -8.62 -11.55
C GLU B 70 20.89 -8.56 -13.07
N PHE B 71 20.07 -7.69 -13.66
CA PHE B 71 20.05 -7.56 -15.10
C PHE B 71 19.82 -6.11 -15.53
N ASP B 72 20.27 -5.80 -16.73
CA ASP B 72 19.97 -4.52 -17.35
C ASP B 72 18.55 -4.55 -17.87
N GLU B 73 17.79 -3.51 -17.57
CA GLU B 73 16.44 -3.36 -18.09
C GLU B 73 16.32 -2.01 -18.77
N TYR B 74 15.88 -2.00 -20.01
CA TYR B 74 15.61 -0.78 -20.74
C TYR B 74 14.11 -0.73 -21.00
N THR B 75 13.43 0.26 -20.41
CA THR B 75 11.96 0.27 -20.42
C THR B 75 11.45 0.89 -21.73
N LYS B 76 11.82 0.19 -22.79
CA LYS B 76 11.53 0.62 -24.15
C LYS B 76 10.03 0.80 -24.36
N SER B 77 9.67 1.99 -24.83
CA SER B 77 8.32 2.40 -25.21
C SER B 77 7.48 2.69 -23.96
N LEU B 78 8.07 2.57 -22.77
CA LEU B 78 7.43 3.04 -21.54
C LEU B 78 8.02 4.42 -21.24
N ASP B 79 8.89 4.54 -20.23
CA ASP B 79 9.61 5.80 -20.03
C ASP B 79 10.99 5.80 -20.67
N ASN B 80 11.39 4.70 -21.32
CA ASN B 80 12.64 4.65 -22.08
C ASN B 80 13.83 5.04 -21.23
N ARG B 81 13.94 4.42 -20.06
CA ARG B 81 15.10 4.58 -19.19
C ARG B 81 15.82 3.25 -19.01
N HIS B 82 17.10 3.34 -18.67
CA HIS B 82 17.91 2.19 -18.29
C HIS B 82 17.93 2.09 -16.77
N VAL B 83 17.63 0.90 -16.25
CA VAL B 83 17.77 0.60 -14.84
C VAL B 83 18.56 -0.71 -14.67
N LYS B 84 19.14 -0.87 -13.47
CA LYS B 84 19.71 -2.13 -13.04
C LYS B 84 18.68 -2.79 -12.13
N ALA B 85 18.09 -3.87 -12.60
CA ALA B 85 17.01 -4.54 -11.89
C ALA B 85 17.49 -5.81 -11.22
N LEU B 86 16.90 -6.09 -10.06
CA LEU B 86 17.12 -7.32 -9.31
C LEU B 86 15.79 -7.80 -8.78
N VAL B 87 15.44 -9.05 -9.07
CA VAL B 87 14.23 -9.68 -8.57
C VAL B 87 14.60 -10.70 -7.51
N THR B 88 13.89 -10.68 -6.38
CA THR B 88 14.08 -11.61 -5.29
C THR B 88 12.73 -12.16 -4.85
N TRP B 89 12.75 -13.27 -4.12
CA TRP B 89 11.56 -13.77 -3.45
C TRP B 89 11.56 -13.30 -2.00
N GLU B 90 10.42 -12.81 -1.55
CA GLU B 90 10.13 -12.63 -0.12
C GLU B 90 8.92 -13.51 0.18
N GLY B 91 9.18 -14.70 0.69
CA GLY B 91 8.14 -15.70 0.74
C GLY B 91 7.68 -16.03 -0.67
N ASP B 92 6.39 -15.84 -0.94
CA ASP B 92 5.85 -16.06 -2.27
C ASP B 92 5.59 -14.75 -3.00
N VAL B 93 6.17 -13.65 -2.51
CA VAL B 93 6.07 -12.35 -3.18
C VAL B 93 7.31 -12.15 -4.02
N LEU B 94 7.11 -11.90 -5.31
CA LEU B 94 8.19 -11.56 -6.20
C LEU B 94 8.48 -10.08 -6.07
N VAL B 95 9.73 -9.72 -5.74
CA VAL B 95 10.10 -8.35 -5.41
C VAL B 95 11.19 -7.87 -6.36
N CYS B 96 10.97 -6.72 -6.98
CA CYS B 96 11.93 -6.14 -7.91
C CYS B 96 12.31 -4.74 -7.47
N VAL B 97 13.62 -4.47 -7.40
CA VAL B 97 14.15 -3.13 -7.24
C VAL B 97 14.79 -2.72 -8.55
N GLN B 98 14.40 -1.56 -9.07
CA GLN B 98 14.90 -1.01 -10.31
C GLN B 98 15.79 0.19 -10.01
N LYS B 99 17.09 -0.05 -9.88
CA LYS B 99 18.03 1.01 -9.51
C LYS B 99 18.35 1.90 -10.71
N GLY B 100 18.16 3.20 -10.55
CA GLY B 100 18.41 4.14 -11.62
C GLY B 100 18.06 5.57 -11.24
N GLU B 101 17.65 6.36 -12.24
CA GLU B 101 17.46 7.80 -12.01
C GLU B 101 16.36 8.06 -10.99
N LYS B 102 15.28 7.28 -11.03
CA LYS B 102 14.13 7.48 -10.16
C LYS B 102 14.34 6.77 -8.83
N GLU B 103 14.19 7.53 -7.75
CA GLU B 103 14.28 6.95 -6.42
C GLU B 103 13.04 6.09 -6.14
N ASN B 104 13.26 5.02 -5.39
CA ASN B 104 12.18 4.16 -4.90
C ASN B 104 11.34 3.64 -6.06
N ARG B 105 12.01 3.04 -7.04
CA ARG B 105 11.36 2.47 -8.21
C ARG B 105 11.47 0.95 -8.13
N GLY B 106 10.33 0.28 -8.26
CA GLY B 106 10.32 -1.17 -8.23
C GLY B 106 8.91 -1.69 -8.34
N TRP B 107 8.76 -2.99 -8.11
CA TRP B 107 7.44 -3.60 -8.13
C TRP B 107 7.46 -4.88 -7.29
N LYS B 108 6.27 -5.32 -6.94
CA LYS B 108 6.03 -6.56 -6.22
C LYS B 108 4.85 -7.26 -6.89
N GLN B 109 4.94 -8.57 -7.05
CA GLN B 109 3.92 -9.31 -7.78
C GLN B 109 3.68 -10.64 -7.07
N TRP B 110 2.41 -10.97 -6.83
CA TRP B 110 2.12 -12.23 -6.13
C TRP B 110 0.75 -12.79 -6.52
N ILE B 111 0.58 -14.10 -6.27
CA ILE B 111 -0.62 -14.85 -6.65
C ILE B 111 -1.47 -15.14 -5.43
N GLU B 112 -2.79 -15.09 -5.61
CA GLU B 112 -3.73 -15.59 -4.60
C GLU B 112 -4.94 -16.17 -5.34
N GLY B 113 -5.16 -17.47 -5.24
CA GLY B 113 -6.26 -18.05 -5.97
C GLY B 113 -6.00 -17.93 -7.45
N ASP B 114 -7.00 -17.46 -8.18
CA ASP B 114 -6.86 -17.25 -9.62
C ASP B 114 -6.63 -15.77 -9.95
N LYS B 115 -6.06 -15.02 -9.02
CA LYS B 115 -5.76 -13.59 -9.21
C LYS B 115 -4.28 -13.32 -9.02
N LEU B 116 -3.73 -12.43 -9.86
CA LEU B 116 -2.37 -11.92 -9.76
C LEU B 116 -2.44 -10.46 -9.37
N TYR B 117 -1.64 -10.11 -8.37
CA TYR B 117 -1.55 -8.76 -7.82
C TYR B 117 -0.19 -8.17 -8.19
N LEU B 118 -0.20 -6.94 -8.68
CA LEU B 118 1.01 -6.25 -9.08
C LEU B 118 0.99 -4.86 -8.46
N GLU B 119 2.00 -4.56 -7.65
CA GLU B 119 2.20 -3.29 -6.97
C GLU B 119 3.36 -2.60 -7.65
N LEU B 120 3.08 -1.50 -8.35
CA LEU B 120 4.08 -0.74 -9.09
C LEU B 120 4.38 0.55 -8.33
N THR B 121 5.66 0.76 -8.00
CA THR B 121 6.08 1.89 -7.20
C THR B 121 7.10 2.75 -7.94
N CYS B 122 6.91 4.06 -7.85
CA CYS B 122 7.91 5.02 -8.28
C CYS B 122 7.77 6.25 -7.41
N GLY B 123 8.79 6.52 -6.62
CA GLY B 123 8.75 7.73 -5.79
C GLY B 123 7.62 7.63 -4.79
N ASP B 124 6.77 8.66 -4.73
CA ASP B 124 5.68 8.65 -3.78
C ASP B 124 4.38 8.17 -4.40
N GLN B 125 4.45 7.48 -5.53
CA GLN B 125 3.25 7.00 -6.21
C GLN B 125 3.29 5.48 -6.34
N VAL B 126 2.23 4.83 -5.89
CA VAL B 126 2.08 3.39 -6.00
C VAL B 126 0.80 3.07 -6.77
N CYS B 127 0.90 2.15 -7.73
CA CYS B 127 -0.22 1.67 -8.51
C CYS B 127 -0.49 0.23 -8.14
N ARG B 128 -1.76 -0.11 -7.95
CA ARG B 128 -2.18 -1.47 -7.66
C ARG B 128 -2.98 -2.04 -8.82
N GLN B 129 -2.49 -3.14 -9.39
CA GLN B 129 -3.18 -3.83 -10.46
C GLN B 129 -3.58 -5.22 -9.99
N VAL B 130 -4.75 -5.65 -10.45
CA VAL B 130 -5.23 -7.01 -10.20
C VAL B 130 -5.57 -7.62 -11.54
N PHE B 131 -5.13 -8.85 -11.76
CA PHE B 131 -5.40 -9.61 -12.98
C PHE B 131 -6.10 -10.91 -12.59
N LYS B 132 -7.00 -11.35 -13.46
CA LYS B 132 -7.66 -12.63 -13.31
C LYS B 132 -7.11 -13.61 -14.35
N LYS B 133 -6.86 -14.84 -13.91
CA LYS B 133 -6.37 -15.89 -14.81
C LYS B 133 -7.42 -16.22 -15.88
N LYS B 134 -6.97 -16.23 -17.13
CA LYS B 134 -7.79 -16.62 -18.26
C LYS B 134 -7.65 -18.11 -18.52
N LEU B 135 -8.76 -18.75 -18.80
CA LEU B 135 -8.75 -20.15 -19.22
C LEU B 135 -8.30 -20.24 -20.68
N VAL B 136 -7.15 -20.85 -20.90
CA VAL B 136 -6.56 -20.93 -22.23
C VAL B 136 -6.17 -22.36 -22.49
N PRO B 137 -6.07 -22.74 -23.75
CA PRO B 137 -5.77 -24.14 -24.09
C PRO B 137 -4.30 -24.51 -23.86
S01 VPY C . -4.03 6.13 13.19
O01 VPY C . -3.77 7.20 16.00
O02 VPY C . -1.73 7.23 12.59
O03 VPY C . -3.82 9.72 16.80
C01 VPY C . 3.31 -1.28 12.25
C02 VPY C . 2.78 0.14 12.12
C03 VPY C . 2.79 -2.06 11.03
C04 VPY C . 3.36 1.08 13.17
C05 VPY C . -0.96 4.28 12.96
C06 VPY C . 3.65 -1.80 9.76
C07 VPY C . 3.34 2.50 12.60
C08 VPY C . -0.53 2.89 12.46
C09 VPY C . -1.84 4.96 11.91
C10 VPY C . 3.21 -1.94 8.50
C11 VPY C . -1.76 2.00 12.33
C12 VPY C . 1.80 -2.38 8.13
C13 VPY C . -3.65 8.17 14.98
C14 VPY C . -2.36 6.23 12.52
C15 VPY C . -4.50 7.77 13.80
C16 VPY C . -1.97 1.15 11.33
C17 VPY C . -1.03 0.90 10.16
C18 VPY C . -4.15 9.54 15.45
C19 VPY C . 1.36 -1.62 6.87
C20 VPY C . -0.96 -1.00 7.74
C21 VPY C . -1.74 1.15 8.82
C22 VPY C . 0.17 -1.02 6.70
C23 VPY C . -1.70 0.33 7.78
H37 VPY C . -3.92 7.59 16.74
H38 VPY C . -4.24 10.39 17.11
H01 VPY C . 4.28 -1.27 12.24
H02 VPY C . 2.99 -1.69 13.05
H04 VPY C . 1.80 0.12 12.23
H03 VPY C . 2.98 0.48 11.24
H06 VPY C . 1.88 -1.80 10.84
H05 VPY C . 2.82 -3.01 11.22
H08 VPY C . 4.27 0.82 13.36
H07 VPY C . 2.83 1.03 13.98
H10 VPY C . -1.45 4.19 13.78
H09 VPY C . -0.17 4.82 13.11
H11 VPY C . 4.53 -1.53 9.88
H14 VPY C . 3.86 2.53 11.79
H16 VPY C . 3.73 3.11 13.25
H15 VPY C . 2.43 2.76 12.42
H12 VPY C . -0.09 2.96 11.60
H13 VPY C . 0.08 2.50 13.10
H17 VPY C . -1.32 5.16 11.11
H18 VPY C . -2.59 4.37 11.67
H19 VPY C . 3.80 -1.76 7.82
H20 VPY C . -2.42 2.07 12.99
H22 VPY C . 1.79 -3.34 7.96
H23 VPY C . 1.19 -2.18 8.87
H21 VPY C . -2.72 8.24 14.70
H25 VPY C . -5.43 7.75 14.08
H24 VPY C . -4.40 8.42 13.10
H26 VPY C . -2.77 0.67 11.36
H28 VPY C . -0.72 -0.01 10.19
H27 VPY C . -0.27 1.49 10.23
H29 VPY C . -3.72 10.24 14.92
H30 VPY C . -5.10 9.59 15.34
H31 VPY C . 1.96 -1.58 6.18
H33 VPY C . -1.59 -1.70 7.52
H32 VPY C . -0.59 -1.17 8.62
H34 VPY C . -2.23 1.93 8.74
H35 VPY C . 0.02 -0.60 5.89
H36 VPY C . -2.17 0.59 7.02
S01 VPY D . 5.89 -5.22 -14.39
O01 VPY D . 4.70 -8.05 -14.34
O02 VPY D . 6.91 -5.69 -16.73
O03 VPY D . 5.99 -10.34 -14.35
C01 VPY D . -0.05 -0.14 -21.16
C02 VPY D . 1.35 -0.72 -21.05
C03 VPY D . 0.05 1.37 -20.91
C04 VPY D . 1.34 -2.18 -21.44
C05 VPY D . 4.38 -3.93 -17.33
C06 VPY D . 0.74 2.05 -22.10
C07 VPY D . 2.78 -2.68 -21.39
C08 VPY D . 3.66 -2.67 -17.80
C09 VPY D . 5.75 -3.59 -16.72
C10 VPY D . 1.54 3.10 -22.02
C11 VPY D . 3.32 -1.84 -16.56
C12 VPY D . 1.89 3.82 -20.71
C13 VPY D . 6.05 -7.94 -14.68
C14 VPY D . 6.28 -4.88 -16.11
C15 VPY D . 6.68 -6.79 -13.92
C16 VPY D . 3.46 -0.54 -16.49
C17 VPY D . 3.96 0.32 -17.65
C18 VPY D . 6.84 -9.22 -14.34
C19 VPY D . 3.38 4.18 -20.65
C20 VPY D . 3.58 3.19 -18.40
C21 VPY D . 4.85 1.45 -17.15
C22 VPY D . 4.14 3.92 -19.61
C23 VPY D . 4.70 2.72 -17.48
H37 VPY D . 4.60 -8.64 -13.74
H38 VPY D . 6.34 -10.95 -13.87
H01 VPY D . -0.62 -0.54 -20.49
H02 VPY D . -0.40 -0.31 -22.04
H04 VPY D . 1.95 -0.23 -21.64
H03 VPY D . 1.67 -0.63 -20.13
H06 VPY D . -0.84 1.74 -20.80
H05 VPY D . 0.57 1.53 -20.11
H08 VPY D . 0.99 -2.29 -22.34
H07 VPY D . 0.80 -2.69 -20.81
H10 VPY D . 4.51 -4.52 -18.08
H09 VPY D . 3.83 -4.38 -16.66
H11 VPY D . 0.59 1.69 -22.95
H14 VPY D . 3.13 -2.57 -20.49
H16 VPY D . 2.81 -3.61 -21.64
H15 VPY D . 3.32 -2.16 -22.00
H12 VPY D . 4.24 -2.16 -18.38
H13 VPY D . 2.84 -2.92 -18.27
H17 VPY D . 5.65 -2.92 -16.03
H18 VPY D . 6.35 -3.28 -17.41
H19 VPY D . 1.91 3.44 -22.81
H20 VPY D . 3.01 -2.29 -15.80
H22 VPY D . 1.36 4.63 -20.64
H23 VPY D . 1.68 3.23 -19.96
H21 VPY D . 6.13 -7.77 -15.64
H25 VPY D . 6.57 -6.93 -12.97
H24 VPY D . 7.62 -6.75 -14.14
H26 VPY D . 3.23 -0.10 -15.70
H28 VPY D . 4.46 -0.25 -18.26
H27 VPY D . 3.20 0.70 -18.11
H29 VPY D . 7.24 -9.13 -13.46
H30 VPY D . 7.54 -9.35 -15.00
H31 VPY D . 3.75 4.63 -21.38
H33 VPY D . 3.00 3.79 -17.91
H32 VPY D . 3.07 2.42 -18.70
H34 VPY D . 5.56 1.23 -16.57
H35 VPY D . 5.03 4.16 -19.63
H36 VPY D . 5.29 3.34 -17.13
#